data_8JQF
#
_entry.id   8JQF
#
_cell.length_a   67.228
_cell.length_b   60.017
_cell.length_c   86.635
_cell.angle_alpha   90.00
_cell.angle_beta   110.92
_cell.angle_gamma   90.00
#
_symmetry.space_group_name_H-M   'P 1 21 1'
#
loop_
_entity.id
_entity.type
_entity.pdbx_description
1 polymer 'YdjC family protein'
2 non-polymer GLYCEROL
3 non-polymer 'NICKEL (II) ION'
4 non-polymer 'SULFATE ION'
5 water water
#
_entity_poly.entity_id   1
_entity_poly.type   'polypeptide(L)'
_entity_poly.pdbx_seq_one_letter_code
;MLEMNAAQKLGFTESTKLLIIHADDAGLAHAENRATIQSLQKGIVNSYSIMVPCPWFYEMAIFAKNNNQYDNGVHLTLTC
EWENYRFGPVLPISEVPSLVDENGYFFKKRDKLAQNAKAEHVEKELTAQIERALKFGIKPTHIDSHMYSVGAKPEFLNVY
RRIAKKYKLPLVLNQQLFEMVGLEMDLSDFKDELLIDNVFMGEFKYFEKGELANFYATALDKMEGGLNLILIHPAFDDDE
MKGITINHPNFGSEWRQIDFDFFTSEEAQSKLKEQNIQLITWDEIREKIYKDLQAAALEHHHHHH
;
_entity_poly.pdbx_strand_id   B,A
#
# COMPACT_ATOMS: atom_id res chain seq x y z
N MET A 4 -38.59 -13.15 -18.49
CA MET A 4 -37.79 -14.14 -17.77
C MET A 4 -36.72 -13.53 -16.88
N ASN A 5 -36.73 -13.93 -15.60
CA ASN A 5 -35.60 -13.56 -14.76
C ASN A 5 -34.36 -14.38 -15.16
N ALA A 6 -33.24 -14.10 -14.48
CA ALA A 6 -31.97 -14.62 -14.94
C ALA A 6 -31.79 -16.09 -14.58
N ALA A 7 -32.47 -16.54 -13.51
CA ALA A 7 -32.51 -17.96 -13.19
C ALA A 7 -33.14 -18.71 -14.34
N GLN A 8 -34.27 -18.22 -14.84
CA GLN A 8 -34.87 -18.83 -16.04
C GLN A 8 -33.89 -18.82 -17.20
N LYS A 9 -33.26 -17.66 -17.48
CA LYS A 9 -32.31 -17.64 -18.60
C LYS A 9 -31.17 -18.63 -18.42
N LEU A 10 -30.80 -18.91 -17.18
CA LEU A 10 -29.74 -19.85 -16.89
C LEU A 10 -30.23 -21.31 -16.80
N GLY A 11 -31.47 -21.58 -17.17
CA GLY A 11 -31.99 -22.94 -17.22
C GLY A 11 -32.63 -23.44 -15.95
N PHE A 12 -32.79 -22.59 -14.94
CA PHE A 12 -33.50 -22.96 -13.72
C PHE A 12 -34.98 -22.55 -13.78
N THR A 13 -35.73 -23.04 -12.81
CA THR A 13 -37.10 -22.59 -12.67
C THR A 13 -37.11 -21.14 -12.19
N GLU A 14 -38.23 -20.48 -12.47
CA GLU A 14 -38.37 -19.06 -12.12
C GLU A 14 -38.25 -18.82 -10.61
N SER A 15 -38.70 -19.77 -9.79
CA SER A 15 -38.67 -19.58 -8.35
C SER A 15 -37.32 -19.95 -7.72
N THR A 16 -36.35 -20.41 -8.51
CA THR A 16 -35.06 -20.78 -7.96
C THR A 16 -34.32 -19.56 -7.43
N LYS A 17 -33.91 -19.61 -6.15
CA LYS A 17 -33.20 -18.48 -5.57
C LYS A 17 -31.69 -18.69 -5.76
N LEU A 18 -31.14 -18.19 -6.88
CA LEU A 18 -29.70 -18.27 -7.10
C LEU A 18 -29.01 -17.16 -6.34
N LEU A 19 -27.85 -17.48 -5.76
CA LEU A 19 -27.15 -16.45 -4.98
C LEU A 19 -25.64 -16.57 -5.12
N ILE A 20 -24.99 -15.43 -5.39
CA ILE A 20 -23.53 -15.29 -5.33
C ILE A 20 -23.26 -14.39 -4.14
N ILE A 21 -22.41 -14.82 -3.20
CA ILE A 21 -22.07 -14.02 -2.03
C ILE A 21 -20.65 -13.52 -2.28
N HIS A 22 -20.50 -12.24 -2.59
CA HIS A 22 -19.32 -11.81 -3.36
C HIS A 22 -18.56 -10.72 -2.61
N ALA A 23 -17.28 -11.01 -2.26
CA ALA A 23 -16.48 -10.01 -1.57
C ALA A 23 -15.75 -9.13 -2.58
N ASP A 24 -16.03 -7.84 -2.57
CA ASP A 24 -15.33 -6.88 -3.40
C ASP A 24 -14.07 -6.38 -2.68
N ASP A 25 -13.23 -5.64 -3.43
CA ASP A 25 -12.10 -4.90 -2.86
C ASP A 25 -11.03 -5.80 -2.26
N ALA A 26 -10.93 -7.07 -2.67
CA ALA A 26 -9.78 -7.82 -2.23
C ALA A 26 -8.53 -7.17 -2.84
N GLY A 27 -7.42 -7.25 -2.12
CA GLY A 27 -6.22 -6.53 -2.53
C GLY A 27 -6.10 -5.10 -2.01
N LEU A 28 -7.17 -4.52 -1.51
CA LEU A 28 -7.13 -3.15 -0.97
C LEU A 28 -6.13 -3.01 0.18
N ALA A 29 -6.08 -3.99 1.08
CA ALA A 29 -5.40 -3.86 2.35
C ALA A 29 -5.14 -5.25 2.91
N HIS A 30 -4.15 -5.34 3.79
CA HIS A 30 -3.85 -6.65 4.39
C HIS A 30 -5.05 -7.18 5.20
N ALA A 31 -5.68 -6.31 6.01
CA ALA A 31 -6.85 -6.72 6.80
C ALA A 31 -7.98 -7.19 5.90
N GLU A 32 -8.15 -6.55 4.74
CA GLU A 32 -9.21 -6.97 3.85
C GLU A 32 -8.84 -8.29 3.18
N ASN A 33 -7.57 -8.46 2.84
CA ASN A 33 -7.16 -9.75 2.27
C ASN A 33 -7.42 -10.88 3.24
N ARG A 34 -7.00 -10.72 4.50
CA ARG A 34 -7.11 -11.80 5.47
C ARG A 34 -8.56 -12.10 5.77
N ALA A 35 -9.39 -11.06 5.95
CA ALA A 35 -10.81 -11.32 6.20
C ALA A 35 -11.49 -11.97 5.02
N THR A 36 -11.16 -11.54 3.80
CA THR A 36 -11.75 -12.16 2.62
C THR A 36 -11.39 -13.64 2.54
N ILE A 37 -10.11 -13.94 2.69
CA ILE A 37 -9.69 -15.34 2.69
C ILE A 37 -10.42 -16.15 3.75
N GLN A 38 -10.47 -15.65 5.00
CA GLN A 38 -11.12 -16.45 6.03
C GLN A 38 -12.61 -16.57 5.78
N SER A 39 -13.23 -15.55 5.19
CA SER A 39 -14.66 -15.64 4.95
C SER A 39 -14.96 -16.66 3.87
N LEU A 40 -14.03 -16.85 2.92
CA LEU A 40 -14.21 -17.90 1.92
C LEU A 40 -13.98 -19.29 2.52
N GLN A 41 -12.93 -19.44 3.33
CA GLN A 41 -12.60 -20.77 3.84
C GLN A 41 -13.52 -21.21 4.98
N LYS A 42 -13.91 -20.29 5.84
CA LYS A 42 -14.60 -20.59 7.10
C LYS A 42 -16.01 -20.03 7.14
N GLY A 43 -16.46 -19.31 6.11
CA GLY A 43 -17.80 -18.76 6.09
C GLY A 43 -18.54 -19.13 4.82
N ILE A 44 -19.57 -18.37 4.47
CA ILE A 44 -20.39 -18.72 3.30
C ILE A 44 -20.09 -17.85 2.10
N VAL A 45 -19.09 -16.97 2.18
CA VAL A 45 -18.70 -16.22 0.99
C VAL A 45 -18.20 -17.22 -0.04
N ASN A 46 -18.60 -17.05 -1.28
CA ASN A 46 -18.19 -18.04 -2.29
C ASN A 46 -17.56 -17.42 -3.53
N SER A 47 -17.35 -16.09 -3.55
CA SER A 47 -16.79 -15.43 -4.74
C SER A 47 -16.13 -14.12 -4.31
N TYR A 48 -15.20 -13.60 -5.11
CA TYR A 48 -14.62 -12.31 -4.73
C TYR A 48 -13.92 -11.68 -5.93
N SER A 49 -13.57 -10.40 -5.84
CA SER A 49 -12.81 -9.83 -6.97
C SER A 49 -11.74 -8.88 -6.43
N ILE A 50 -10.68 -8.66 -7.24
CA ILE A 50 -9.41 -8.09 -6.79
C ILE A 50 -9.15 -6.74 -7.45
N MET A 51 -8.71 -5.74 -6.67
CA MET A 51 -8.28 -4.43 -7.16
C MET A 51 -6.78 -4.55 -7.48
N VAL A 52 -6.47 -4.70 -8.75
CA VAL A 52 -5.08 -4.83 -9.17
C VAL A 52 -4.23 -3.60 -8.82
N PRO A 53 -4.72 -2.37 -8.95
CA PRO A 53 -3.86 -1.19 -8.68
C PRO A 53 -3.44 -1.06 -7.22
N CYS A 54 -4.09 -1.76 -6.33
CA CYS A 54 -3.98 -1.44 -4.89
C CYS A 54 -2.72 -2.03 -4.27
N PRO A 55 -2.28 -1.44 -3.15
CA PRO A 55 -0.98 -1.81 -2.56
C PRO A 55 -0.89 -3.21 -2.00
N TRP A 56 -2.01 -3.90 -1.72
CA TRP A 56 -1.90 -5.26 -1.19
C TRP A 56 -2.36 -6.27 -2.22
N PHE A 57 -2.28 -5.87 -3.48
CA PHE A 57 -2.62 -6.76 -4.60
C PHE A 57 -1.76 -8.03 -4.60
N TYR A 58 -0.43 -7.92 -4.48
CA TYR A 58 0.44 -9.09 -4.60
C TYR A 58 0.01 -10.23 -3.65
N GLU A 59 -0.16 -9.89 -2.36
CA GLU A 59 -0.58 -10.90 -1.38
C GLU A 59 -1.85 -11.62 -1.83
N MET A 60 -2.81 -10.87 -2.34
CA MET A 60 -4.08 -11.50 -2.75
C MET A 60 -3.87 -12.31 -4.02
N ALA A 61 -2.98 -11.87 -4.91
CA ALA A 61 -2.70 -12.60 -6.16
C ALA A 61 -2.03 -13.92 -5.86
N ILE A 62 -1.23 -13.96 -4.81
CA ILE A 62 -0.60 -15.24 -4.43
C ILE A 62 -1.69 -16.20 -3.93
N PHE A 63 -2.60 -15.71 -3.08
CA PHE A 63 -3.70 -16.58 -2.66
C PHE A 63 -4.54 -17.06 -3.87
N ALA A 64 -4.93 -16.13 -4.75
CA ALA A 64 -5.81 -16.47 -5.88
C ALA A 64 -5.17 -17.52 -6.76
N LYS A 65 -3.88 -17.35 -7.10
CA LYS A 65 -3.22 -18.29 -7.99
C LYS A 65 -3.12 -19.66 -7.38
N ASN A 66 -2.96 -19.74 -6.06
CA ASN A 66 -2.81 -21.05 -5.45
C ASN A 66 -4.13 -21.66 -4.98
N ASN A 67 -5.25 -20.94 -5.07
CA ASN A 67 -6.52 -21.38 -4.51
C ASN A 67 -7.65 -21.08 -5.48
N ASN A 68 -7.51 -21.58 -6.71
CA ASN A 68 -8.45 -21.29 -7.80
C ASN A 68 -9.85 -21.85 -7.54
N GLN A 69 -10.02 -22.69 -6.52
CA GLN A 69 -11.37 -23.19 -6.27
C GLN A 69 -12.31 -22.08 -5.80
N TYR A 70 -11.79 -20.96 -5.31
CA TYR A 70 -12.65 -19.86 -4.94
C TYR A 70 -12.73 -18.95 -6.15
N ASP A 71 -13.93 -18.84 -6.69
CA ASP A 71 -14.31 -17.95 -7.76
C ASP A 71 -13.76 -16.57 -7.55
N ASN A 72 -12.87 -16.14 -8.43
CA ASN A 72 -12.10 -14.91 -8.26
C ASN A 72 -12.18 -14.12 -9.55
N GLY A 73 -12.36 -12.80 -9.43
CA GLY A 73 -12.54 -11.96 -10.60
C GLY A 73 -11.71 -10.70 -10.41
N VAL A 74 -11.85 -9.78 -11.36
CA VAL A 74 -11.10 -8.53 -11.34
C VAL A 74 -12.05 -7.40 -11.02
N HIS A 75 -11.75 -6.67 -9.96
CA HIS A 75 -12.56 -5.54 -9.50
C HIS A 75 -11.97 -4.29 -10.16
N LEU A 76 -12.48 -3.96 -11.36
CA LEU A 76 -11.89 -2.91 -12.18
C LEU A 76 -11.97 -1.57 -11.45
N THR A 77 -10.83 -0.88 -11.39
CA THR A 77 -10.68 0.27 -10.49
C THR A 77 -10.29 1.52 -11.29
N LEU A 78 -11.12 2.59 -11.17
CA LEU A 78 -10.87 3.85 -11.80
C LEU A 78 -11.06 5.01 -10.85
N THR A 79 -11.27 4.74 -9.55
CA THR A 79 -11.51 5.77 -8.53
C THR A 79 -10.80 5.33 -7.27
N CYS A 80 -10.51 6.32 -6.40
CA CYS A 80 -9.82 6.05 -5.15
C CYS A 80 -10.48 6.97 -4.13
N GLU A 81 -11.37 6.39 -3.32
CA GLU A 81 -12.25 7.20 -2.49
C GLU A 81 -11.62 7.63 -1.17
N TRP A 82 -10.45 7.11 -0.79
CA TRP A 82 -9.93 7.28 0.57
C TRP A 82 -9.12 8.57 0.71
N GLU A 83 -9.01 9.02 1.97
CA GLU A 83 -8.51 10.37 2.22
C GLU A 83 -7.00 10.41 2.16
N ASN A 84 -6.33 9.46 2.85
CA ASN A 84 -4.86 9.45 2.97
C ASN A 84 -4.19 8.24 2.34
N TYR A 85 -4.97 7.30 1.84
CA TYR A 85 -4.46 6.07 1.28
C TYR A 85 -4.81 6.15 -0.19
N ARG A 86 -3.83 6.45 -1.03
CA ARG A 86 -4.13 6.87 -2.40
C ARG A 86 -3.49 5.91 -3.39
N PHE A 87 -4.19 5.62 -4.49
CA PHE A 87 -3.61 4.77 -5.52
C PHE A 87 -4.10 5.23 -6.89
N GLY A 88 -3.34 4.86 -7.90
CA GLY A 88 -3.55 5.26 -9.27
C GLY A 88 -3.40 4.08 -10.22
N PRO A 89 -3.25 4.35 -11.51
CA PRO A 89 -3.36 3.28 -12.51
C PRO A 89 -2.16 2.35 -12.57
N VAL A 90 -2.42 1.21 -13.18
CA VAL A 90 -1.38 0.26 -13.54
C VAL A 90 -0.49 0.84 -14.61
N LEU A 91 -1.09 1.49 -15.62
CA LEU A 91 -0.32 2.07 -16.70
C LEU A 91 0.39 3.33 -16.25
N PRO A 92 1.48 3.67 -16.91
CA PRO A 92 2.14 4.94 -16.63
C PRO A 92 1.15 6.07 -16.81
N ILE A 93 1.28 7.08 -15.95
CA ILE A 93 0.42 8.24 -15.98
C ILE A 93 0.44 8.89 -17.36
N SER A 94 1.62 8.95 -18.00
CA SER A 94 1.73 9.62 -19.29
C SER A 94 0.97 8.89 -20.38
N GLU A 95 0.63 7.63 -20.18
CA GLU A 95 -0.20 6.92 -21.14
C GLU A 95 -1.70 7.07 -20.88
N VAL A 96 -2.11 7.35 -19.65
CA VAL A 96 -3.54 7.50 -19.35
C VAL A 96 -3.75 8.78 -18.54
N PRO A 97 -3.28 9.94 -19.01
CA PRO A 97 -3.27 11.13 -18.15
C PRO A 97 -4.66 11.63 -17.77
N SER A 98 -5.69 11.35 -18.59
CA SER A 98 -7.03 11.85 -18.25
C SER A 98 -7.63 11.16 -17.04
N LEU A 99 -7.03 10.07 -16.54
CA LEU A 99 -7.64 9.32 -15.45
C LEU A 99 -7.22 9.75 -14.06
N VAL A 100 -6.32 10.72 -13.91
CA VAL A 100 -5.72 10.96 -12.59
C VAL A 100 -5.78 12.42 -12.20
N ASP A 101 -5.72 12.66 -10.88
CA ASP A 101 -5.60 13.99 -10.28
C ASP A 101 -4.15 14.47 -10.38
N GLU A 102 -3.85 15.64 -9.78
CA GLU A 102 -2.52 16.22 -9.92
C GLU A 102 -1.42 15.40 -9.28
N ASN A 103 -1.76 14.53 -8.31
CA ASN A 103 -0.78 13.66 -7.67
C ASN A 103 -0.55 12.33 -8.41
N GLY A 104 -1.19 12.11 -9.58
CA GLY A 104 -1.13 10.81 -10.23
C GLY A 104 -2.05 9.74 -9.66
N TYR A 105 -3.03 10.11 -8.85
CA TYR A 105 -3.95 9.13 -8.27
C TYR A 105 -5.33 9.22 -8.92
N PHE A 106 -6.08 8.12 -8.82
CA PHE A 106 -7.45 8.17 -9.30
C PHE A 106 -8.29 9.19 -8.51
N PHE A 107 -9.28 9.78 -9.18
CA PHE A 107 -10.21 10.69 -8.52
C PHE A 107 -11.09 9.95 -7.51
N LYS A 108 -11.63 10.73 -6.54
CA LYS A 108 -12.50 10.17 -5.51
C LYS A 108 -13.91 9.90 -5.98
N LYS A 109 -14.40 10.60 -7.00
CA LYS A 109 -15.82 10.53 -7.34
C LYS A 109 -16.02 10.19 -8.81
N ARG A 110 -17.08 9.42 -9.05
CA ARG A 110 -17.49 9.11 -10.42
C ARG A 110 -17.64 10.37 -11.27
N ASP A 111 -18.17 11.47 -10.71
CA ASP A 111 -18.49 12.57 -11.62
C ASP A 111 -17.23 13.27 -12.11
N LYS A 112 -16.17 13.30 -11.29
CA LYS A 112 -14.90 13.85 -11.78
C LYS A 112 -14.30 12.97 -12.86
N LEU A 113 -14.42 11.65 -12.71
CA LEU A 113 -14.00 10.72 -13.77
C LEU A 113 -14.81 10.98 -15.05
N ALA A 114 -16.13 11.18 -14.92
CA ALA A 114 -16.94 11.47 -16.10
C ALA A 114 -16.48 12.77 -16.74
N GLN A 115 -16.10 13.74 -15.92
CA GLN A 115 -15.76 15.06 -16.43
C GLN A 115 -14.44 15.03 -17.18
N ASN A 116 -13.50 14.20 -16.73
CA ASN A 116 -12.12 14.30 -17.25
C ASN A 116 -11.70 13.13 -18.14
N ALA A 117 -12.17 11.92 -17.90
CA ALA A 117 -11.53 10.74 -18.48
C ALA A 117 -11.91 10.52 -19.95
N LYS A 118 -10.94 10.07 -20.74
CA LYS A 118 -11.19 9.75 -22.14
C LYS A 118 -11.44 8.25 -22.25
N ALA A 119 -12.44 7.87 -23.05
CA ALA A 119 -12.77 6.45 -23.14
C ALA A 119 -11.56 5.61 -23.54
N GLU A 120 -10.69 6.16 -24.38
CA GLU A 120 -9.57 5.34 -24.86
C GLU A 120 -8.65 4.99 -23.70
N HIS A 121 -8.43 5.96 -22.79
CA HIS A 121 -7.64 5.70 -21.58
C HIS A 121 -8.33 4.73 -20.63
N VAL A 122 -9.64 4.87 -20.44
CA VAL A 122 -10.36 3.87 -19.67
C VAL A 122 -10.12 2.47 -20.26
N GLU A 123 -10.29 2.34 -21.57
CA GLU A 123 -10.14 1.01 -22.15
C GLU A 123 -8.73 0.45 -21.95
N LYS A 124 -7.71 1.30 -22.16
CA LYS A 124 -6.33 0.81 -21.98
C LYS A 124 -6.05 0.40 -20.55
N GLU A 125 -6.51 1.22 -19.59
CA GLU A 125 -6.19 0.95 -18.19
C GLU A 125 -6.96 -0.26 -17.65
N LEU A 126 -8.24 -0.41 -18.00
CA LEU A 126 -8.95 -1.60 -17.53
C LEU A 126 -8.38 -2.86 -18.16
N THR A 127 -8.01 -2.78 -19.46
CA THR A 127 -7.36 -3.94 -20.08
C THR A 127 -6.05 -4.27 -19.37
N ALA A 128 -5.31 -3.24 -18.97
CA ALA A 128 -4.02 -3.45 -18.30
C ALA A 128 -4.20 -4.09 -16.92
N GLN A 129 -5.26 -3.70 -16.17
CA GLN A 129 -5.51 -4.37 -14.91
C GLN A 129 -5.79 -5.87 -15.11
N ILE A 130 -6.60 -6.21 -16.13
CA ILE A 130 -6.88 -7.63 -16.38
C ILE A 130 -5.60 -8.37 -16.77
N GLU A 131 -4.82 -7.76 -17.66
CA GLU A 131 -3.61 -8.40 -18.16
C GLU A 131 -2.61 -8.63 -17.03
N ARG A 132 -2.51 -7.66 -16.10
CA ARG A 132 -1.59 -7.83 -14.99
C ARG A 132 -2.09 -8.94 -14.07
N ALA A 133 -3.41 -9.03 -13.86
CA ALA A 133 -3.92 -10.19 -13.12
C ALA A 133 -3.47 -11.49 -13.79
N LEU A 134 -3.62 -11.57 -15.11
CA LEU A 134 -3.25 -12.81 -15.82
C LEU A 134 -1.76 -13.08 -15.74
N LYS A 135 -0.94 -12.03 -15.83
CA LYS A 135 0.51 -12.19 -15.75
C LYS A 135 0.92 -12.78 -14.41
N PHE A 136 0.21 -12.44 -13.35
CA PHE A 136 0.51 -12.96 -12.03
C PHE A 136 -0.09 -14.33 -11.82
N GLY A 137 -0.64 -14.97 -12.86
CA GLY A 137 -1.10 -16.33 -12.70
C GLY A 137 -2.54 -16.43 -12.22
N ILE A 138 -3.22 -15.32 -11.96
CA ILE A 138 -4.65 -15.34 -11.64
C ILE A 138 -5.39 -15.78 -12.91
N LYS A 139 -6.45 -16.55 -12.72
CA LYS A 139 -7.34 -17.04 -13.79
C LYS A 139 -8.75 -16.56 -13.45
N PRO A 140 -9.03 -15.29 -13.71
CA PRO A 140 -10.30 -14.70 -13.26
C PRO A 140 -11.49 -15.31 -14.02
N THR A 141 -12.62 -15.34 -13.33
CA THR A 141 -13.83 -15.92 -13.87
C THR A 141 -14.89 -14.87 -14.19
N HIS A 142 -14.66 -13.59 -13.87
CA HIS A 142 -15.60 -12.48 -14.07
C HIS A 142 -14.86 -11.15 -13.88
N ILE A 143 -15.48 -10.07 -14.37
CA ILE A 143 -15.02 -8.73 -14.07
C ILE A 143 -16.19 -7.96 -13.49
N ASP A 144 -15.88 -7.04 -12.58
CA ASP A 144 -16.93 -6.15 -12.08
C ASP A 144 -16.26 -4.80 -11.88
N SER A 145 -16.95 -3.84 -11.24
CA SER A 145 -16.48 -2.44 -11.30
C SER A 145 -16.57 -1.78 -9.92
N HIS A 146 -15.41 -1.34 -9.41
CA HIS A 146 -15.36 -0.60 -8.13
C HIS A 146 -16.12 0.71 -8.23
N MET A 147 -17.00 0.92 -7.25
CA MET A 147 -17.98 2.02 -7.20
C MET A 147 -18.81 2.13 -8.47
N TYR A 148 -18.95 1.00 -9.16
CA TYR A 148 -19.58 0.94 -10.49
C TYR A 148 -19.15 2.16 -11.32
N SER A 149 -17.86 2.50 -11.26
CA SER A 149 -17.46 3.68 -12.04
C SER A 149 -17.54 3.46 -13.56
N VAL A 150 -17.61 2.21 -14.04
CA VAL A 150 -17.83 2.04 -15.48
C VAL A 150 -19.16 2.64 -15.91
N GLY A 151 -20.10 2.80 -14.96
CA GLY A 151 -21.35 3.43 -15.30
C GLY A 151 -21.32 4.94 -15.25
N ALA A 152 -20.16 5.55 -15.02
CA ALA A 152 -20.13 7.00 -14.90
C ALA A 152 -20.48 7.70 -16.20
N LYS A 153 -20.35 7.03 -17.35
CA LYS A 153 -20.75 7.55 -18.67
C LYS A 153 -21.18 6.34 -19.50
N PRO A 154 -22.20 6.46 -20.36
CA PRO A 154 -22.57 5.30 -21.19
C PRO A 154 -21.42 4.76 -22.01
N GLU A 155 -20.53 5.63 -22.50
CA GLU A 155 -19.36 5.19 -23.26
C GLU A 155 -18.48 4.27 -22.42
N PHE A 156 -18.38 4.53 -21.12
CA PHE A 156 -17.53 3.67 -20.30
C PHE A 156 -18.20 2.32 -20.07
N LEU A 157 -19.53 2.30 -19.91
CA LEU A 157 -20.21 1.01 -19.77
C LEU A 157 -19.99 0.17 -21.03
N ASN A 158 -19.94 0.84 -22.18
CA ASN A 158 -19.74 0.09 -23.42
C ASN A 158 -18.32 -0.45 -23.53
N VAL A 159 -17.32 0.32 -23.08
CA VAL A 159 -15.96 -0.24 -22.96
C VAL A 159 -15.96 -1.49 -22.06
N TYR A 160 -16.63 -1.39 -20.92
CA TYR A 160 -16.70 -2.50 -19.96
C TYR A 160 -17.36 -3.75 -20.57
N ARG A 161 -18.49 -3.56 -21.27
CA ARG A 161 -19.15 -4.69 -21.93
C ARG A 161 -18.25 -5.32 -23.01
N ARG A 162 -17.53 -4.48 -23.78
CA ARG A 162 -16.65 -5.03 -24.83
C ARG A 162 -15.49 -5.82 -24.24
N ILE A 163 -14.90 -5.30 -23.16
CA ILE A 163 -13.79 -5.99 -22.54
C ILE A 163 -14.22 -7.36 -22.01
N ALA A 164 -15.42 -7.43 -21.37
CA ALA A 164 -15.91 -8.73 -20.91
C ALA A 164 -16.06 -9.71 -22.09
N LYS A 165 -16.62 -9.27 -23.21
CA LYS A 165 -16.76 -10.15 -24.36
C LYS A 165 -15.41 -10.57 -24.91
N LYS A 166 -14.44 -9.65 -24.96
CA LYS A 166 -13.10 -9.96 -25.45
C LYS A 166 -12.46 -11.11 -24.65
N TYR A 167 -12.59 -11.10 -23.30
CA TYR A 167 -12.04 -12.15 -22.44
C TYR A 167 -13.01 -13.30 -22.21
N LYS A 168 -14.20 -13.25 -22.80
CA LYS A 168 -15.24 -14.29 -22.68
C LYS A 168 -15.53 -14.55 -21.20
N LEU A 169 -15.71 -13.42 -20.47
CA LEU A 169 -16.02 -13.49 -19.07
C LEU A 169 -17.36 -12.80 -18.80
N PRO A 170 -18.15 -13.31 -17.84
CA PRO A 170 -19.35 -12.58 -17.42
C PRO A 170 -18.97 -11.36 -16.60
N LEU A 171 -19.91 -10.44 -16.46
CA LEU A 171 -19.66 -9.14 -15.80
C LEU A 171 -20.91 -8.78 -15.02
N VAL A 172 -20.79 -7.77 -14.15
CA VAL A 172 -21.93 -7.34 -13.34
C VAL A 172 -22.66 -6.27 -14.12
N LEU A 173 -23.94 -6.55 -14.45
CA LEU A 173 -24.88 -5.58 -15.02
C LEU A 173 -26.22 -5.68 -14.29
N ASN A 174 -26.87 -4.55 -14.00
CA ASN A 174 -28.08 -4.66 -13.18
C ASN A 174 -28.78 -3.30 -13.22
N GLN A 175 -30.10 -3.34 -13.32
CA GLN A 175 -30.88 -2.14 -13.60
C GLN A 175 -30.71 -1.13 -12.45
N GLN A 176 -30.70 -1.64 -11.21
CA GLN A 176 -30.56 -0.80 -10.02
C GLN A 176 -29.20 -0.13 -9.94
N LEU A 177 -28.11 -0.86 -10.24
CA LEU A 177 -26.79 -0.22 -10.26
C LEU A 177 -26.78 0.91 -11.29
N PHE A 178 -27.39 0.66 -12.46
CA PHE A 178 -27.48 1.67 -13.49
C PHE A 178 -28.13 2.92 -12.96
N GLU A 179 -29.30 2.76 -12.34
CA GLU A 179 -30.02 3.92 -11.81
C GLU A 179 -29.21 4.62 -10.75
N MET A 180 -28.56 3.86 -9.86
CA MET A 180 -27.87 4.51 -8.76
C MET A 180 -26.64 5.29 -9.20
N VAL A 181 -26.08 5.01 -10.39
CA VAL A 181 -24.99 5.85 -10.90
C VAL A 181 -25.48 6.90 -11.88
N GLY A 182 -26.81 7.05 -12.03
CA GLY A 182 -27.36 8.08 -12.91
C GLY A 182 -27.42 7.67 -14.37
N LEU A 183 -27.34 6.39 -14.67
CA LEU A 183 -27.36 5.91 -16.04
C LEU A 183 -28.79 5.54 -16.41
N GLU A 184 -29.48 6.42 -17.13
CA GLU A 184 -30.88 6.13 -17.49
C GLU A 184 -30.91 5.49 -18.88
N MET A 185 -30.34 4.29 -18.94
CA MET A 185 -30.31 3.55 -20.18
C MET A 185 -31.62 2.79 -20.34
N ASP A 186 -31.71 2.01 -21.42
CA ASP A 186 -32.84 1.15 -21.72
C ASP A 186 -32.33 -0.27 -21.92
N LEU A 187 -33.06 -1.25 -21.36
CA LEU A 187 -32.57 -2.63 -21.35
C LEU A 187 -32.68 -3.33 -22.69
N SER A 188 -33.30 -2.71 -23.69
CA SER A 188 -33.37 -3.31 -25.01
C SER A 188 -31.99 -3.50 -25.63
N ASP A 189 -31.01 -2.71 -25.20
CA ASP A 189 -29.66 -2.86 -25.71
C ASP A 189 -28.90 -3.99 -25.04
N PHE A 190 -29.54 -4.69 -24.09
CA PHE A 190 -28.91 -5.72 -23.27
C PHE A 190 -29.41 -7.12 -23.59
N LYS A 191 -30.00 -7.32 -24.77
CA LYS A 191 -30.57 -8.62 -25.11
C LYS A 191 -29.52 -9.71 -25.09
N ASP A 192 -28.29 -9.38 -25.45
CA ASP A 192 -27.18 -10.31 -25.54
C ASP A 192 -26.49 -10.53 -24.20
N GLU A 193 -26.95 -9.88 -23.13
CA GLU A 193 -26.23 -9.86 -21.86
C GLU A 193 -27.08 -10.51 -20.77
N LEU A 194 -26.42 -10.90 -19.69
CA LEU A 194 -27.10 -11.48 -18.54
C LEU A 194 -27.15 -10.41 -17.47
N LEU A 195 -28.34 -10.05 -17.02
CA LEU A 195 -28.51 -9.04 -15.99
C LEU A 195 -28.90 -9.73 -14.68
N ILE A 196 -28.18 -9.40 -13.60
CA ILE A 196 -28.53 -9.80 -12.24
C ILE A 196 -29.90 -9.25 -11.93
N ASP A 197 -30.77 -10.08 -11.36
CA ASP A 197 -32.09 -9.54 -11.03
C ASP A 197 -32.03 -8.60 -9.83
N ASN A 198 -31.25 -8.93 -8.81
CA ASN A 198 -31.27 -8.18 -7.55
C ASN A 198 -29.89 -8.13 -6.94
N VAL A 199 -29.42 -6.92 -6.69
CA VAL A 199 -28.12 -6.67 -6.09
C VAL A 199 -28.37 -6.11 -4.70
N PHE A 200 -27.76 -6.72 -3.69
CA PHE A 200 -27.97 -6.32 -2.31
C PHE A 200 -26.66 -5.78 -1.77
N MET A 201 -26.67 -4.61 -1.13
CA MET A 201 -25.45 -4.18 -0.46
C MET A 201 -25.90 -3.40 0.77
N GLY A 202 -25.02 -3.30 1.78
CA GLY A 202 -25.41 -2.57 2.98
C GLY A 202 -25.76 -1.13 2.70
N GLU A 203 -26.57 -0.56 3.57
CA GLU A 203 -26.98 0.83 3.42
C GLU A 203 -26.73 1.60 4.71
N PHE A 204 -26.35 2.87 4.56
CA PHE A 204 -26.02 3.69 5.72
C PHE A 204 -27.17 3.81 6.72
N LYS A 205 -28.43 3.85 6.25
CA LYS A 205 -29.50 4.08 7.22
C LYS A 205 -29.67 2.90 8.17
N TYR A 206 -29.32 1.68 7.74
CA TYR A 206 -29.30 0.57 8.70
C TYR A 206 -28.02 0.62 9.55
N PHE A 207 -26.87 0.88 8.93
CA PHE A 207 -25.60 0.93 9.66
C PHE A 207 -25.68 1.90 10.84
N GLU A 208 -26.28 3.07 10.64
CA GLU A 208 -26.27 4.08 11.71
C GLU A 208 -27.18 3.74 12.86
N LYS A 209 -28.13 2.82 12.69
CA LYS A 209 -28.91 2.26 13.80
C LYS A 209 -28.20 1.08 14.47
N GLY A 210 -26.96 0.78 14.08
CA GLY A 210 -26.32 -0.45 14.51
C GLY A 210 -26.97 -1.73 13.97
N GLU A 211 -27.76 -1.63 12.89
CA GLU A 211 -28.57 -2.75 12.39
C GLU A 211 -28.05 -3.28 11.06
N LEU A 212 -26.79 -3.02 10.68
CA LEU A 212 -26.32 -3.56 9.38
C LEU A 212 -26.36 -5.12 9.33
N ALA A 213 -26.00 -5.77 10.44
CA ALA A 213 -26.14 -7.24 10.49
C ALA A 213 -27.59 -7.67 10.24
N ASN A 214 -28.54 -6.98 10.90
CA ASN A 214 -29.96 -7.28 10.72
C ASN A 214 -30.41 -7.06 9.29
N PHE A 215 -29.84 -6.05 8.62
CA PHE A 215 -30.09 -5.86 7.18
C PHE A 215 -29.71 -7.11 6.37
N TYR A 216 -28.51 -7.66 6.62
CA TYR A 216 -28.13 -8.85 5.85
C TYR A 216 -29.04 -10.04 6.18
N ALA A 217 -29.40 -10.20 7.45
CA ALA A 217 -30.37 -11.28 7.79
C ALA A 217 -31.68 -11.10 7.00
N THR A 218 -32.17 -9.87 6.93
CA THR A 218 -33.44 -9.61 6.24
C THR A 218 -33.32 -9.85 4.74
N ALA A 219 -32.17 -9.52 4.18
CA ALA A 219 -31.93 -9.75 2.75
C ALA A 219 -32.01 -11.23 2.43
N LEU A 220 -31.37 -12.07 3.27
CA LEU A 220 -31.48 -13.51 3.04
C LEU A 220 -32.90 -14.00 3.27
N ASP A 221 -33.57 -13.48 4.30
CA ASP A 221 -34.95 -13.87 4.59
C ASP A 221 -35.89 -13.60 3.43
N LYS A 222 -35.67 -12.50 2.71
CA LYS A 222 -36.64 -12.05 1.72
C LYS A 222 -36.23 -12.39 0.30
N MET A 223 -35.11 -13.08 0.12
CA MET A 223 -34.66 -13.37 -1.24
C MET A 223 -35.72 -14.12 -2.03
N GLU A 224 -35.84 -13.77 -3.31
CA GLU A 224 -36.82 -14.43 -4.19
C GLU A 224 -36.10 -15.05 -5.40
N GLY A 225 -36.87 -15.73 -6.22
CA GLY A 225 -36.31 -16.40 -7.37
C GLY A 225 -35.66 -15.40 -8.31
N GLY A 226 -34.65 -15.87 -9.02
CA GLY A 226 -33.86 -15.06 -9.89
C GLY A 226 -32.41 -15.14 -9.52
N LEU A 227 -31.59 -14.37 -10.24
CA LEU A 227 -30.17 -14.26 -9.88
C LEU A 227 -29.99 -13.12 -8.90
N ASN A 228 -29.50 -13.44 -7.71
CA ASN A 228 -29.28 -12.48 -6.64
C ASN A 228 -27.79 -12.35 -6.43
N LEU A 229 -27.32 -11.15 -6.13
CA LEU A 229 -25.90 -10.94 -5.84
C LEU A 229 -25.81 -10.15 -4.55
N ILE A 230 -25.12 -10.69 -3.55
CA ILE A 230 -24.76 -9.89 -2.38
C ILE A 230 -23.35 -9.36 -2.58
N LEU A 231 -23.17 -8.04 -2.42
CA LEU A 231 -21.83 -7.44 -2.47
C LEU A 231 -21.42 -7.03 -1.06
N ILE A 232 -20.28 -7.52 -0.61
CA ILE A 232 -19.76 -7.23 0.71
C ILE A 232 -18.28 -6.87 0.62
N HIS A 233 -17.74 -6.40 1.73
CA HIS A 233 -16.36 -5.92 1.80
C HIS A 233 -15.73 -6.38 3.13
N PRO A 234 -15.60 -7.68 3.36
CA PRO A 234 -15.10 -8.12 4.67
C PRO A 234 -13.67 -7.62 4.90
N ALA A 235 -13.41 -7.07 6.10
CA ALA A 235 -12.08 -6.64 6.50
C ALA A 235 -12.07 -6.47 8.02
N PHE A 236 -10.97 -6.83 8.67
CA PHE A 236 -10.92 -6.67 10.12
C PHE A 236 -10.80 -5.19 10.46
N ASP A 237 -11.54 -4.78 11.51
CA ASP A 237 -11.58 -3.37 11.91
C ASP A 237 -10.39 -3.11 12.86
N ASP A 238 -9.20 -3.15 12.26
CA ASP A 238 -7.95 -2.90 12.97
C ASP A 238 -7.36 -1.52 12.60
N ASP A 239 -6.12 -1.25 13.06
CA ASP A 239 -5.61 0.11 12.85
C ASP A 239 -5.34 0.41 11.39
N GLU A 240 -4.98 -0.60 10.58
CA GLU A 240 -4.78 -0.37 9.16
C GLU A 240 -6.07 0.10 8.50
N MET A 241 -7.15 -0.60 8.78
CA MET A 241 -8.41 -0.27 8.15
C MET A 241 -8.93 1.07 8.68
N LYS A 242 -8.69 1.36 9.95
CA LYS A 242 -9.11 2.67 10.45
C LYS A 242 -8.31 3.78 9.78
N GLY A 243 -7.04 3.50 9.52
CA GLY A 243 -6.21 4.46 8.82
C GLY A 243 -6.65 4.71 7.40
N ILE A 244 -7.07 3.63 6.70
CA ILE A 244 -7.59 3.74 5.33
C ILE A 244 -8.93 4.46 5.29
N THR A 245 -9.86 4.08 6.17
CA THR A 245 -11.22 4.60 6.04
C THR A 245 -11.48 5.81 6.89
N ILE A 246 -10.43 6.53 7.25
CA ILE A 246 -10.62 7.69 8.12
C ILE A 246 -11.63 8.69 7.50
N ASN A 247 -12.51 9.23 8.34
CA ASN A 247 -13.55 10.18 7.89
C ASN A 247 -14.45 9.60 6.78
N HIS A 248 -14.55 8.30 6.65
CA HIS A 248 -15.38 7.68 5.61
C HIS A 248 -16.16 6.49 6.18
N PRO A 249 -17.13 6.75 7.07
CA PRO A 249 -17.84 5.64 7.75
C PRO A 249 -18.72 4.80 6.84
N ASN A 250 -19.22 5.38 5.73
CA ASN A 250 -19.94 4.60 4.73
C ASN A 250 -18.98 3.58 4.09
N PHE A 251 -19.30 2.27 4.23
CA PHE A 251 -18.39 1.20 3.90
C PHE A 251 -17.03 1.38 4.56
N GLY A 252 -17.00 1.95 5.78
CA GLY A 252 -15.78 2.15 6.56
C GLY A 252 -15.36 0.92 7.36
N SER A 253 -14.42 1.12 8.31
CA SER A 253 -13.78 -0.08 8.89
C SER A 253 -14.73 -0.82 9.83
N GLU A 254 -15.55 -0.11 10.60
CA GLU A 254 -16.54 -0.81 11.42
C GLU A 254 -17.51 -1.63 10.57
N TRP A 255 -18.05 -1.01 9.52
CA TRP A 255 -18.94 -1.70 8.57
C TRP A 255 -18.31 -2.95 7.98
N ARG A 256 -17.07 -2.87 7.55
CA ARG A 256 -16.42 -4.02 6.92
C ARG A 256 -16.23 -5.19 7.90
N GLN A 257 -15.99 -4.87 9.18
CA GLN A 257 -15.92 -5.94 10.15
C GLN A 257 -17.30 -6.60 10.31
N ILE A 258 -18.39 -5.80 10.31
CA ILE A 258 -19.72 -6.40 10.38
C ILE A 258 -19.95 -7.39 9.21
N ASP A 259 -19.52 -6.98 8.01
CA ASP A 259 -19.60 -7.88 6.87
C ASP A 259 -18.93 -9.22 7.18
N PHE A 260 -17.69 -9.15 7.68
CA PHE A 260 -16.97 -10.39 7.96
C PHE A 260 -17.73 -11.26 8.95
N ASP A 261 -18.15 -10.67 10.08
CA ASP A 261 -18.82 -11.46 11.12
C ASP A 261 -20.12 -12.06 10.66
N PHE A 262 -20.93 -11.29 9.91
CA PHE A 262 -22.19 -11.86 9.48
C PHE A 262 -21.96 -13.05 8.57
N PHE A 263 -21.05 -12.91 7.61
CA PHE A 263 -20.96 -13.98 6.62
C PHE A 263 -20.01 -15.09 7.04
N THR A 264 -19.55 -15.08 8.31
CA THR A 264 -18.98 -16.30 8.91
C THR A 264 -19.83 -16.84 10.04
N SER A 265 -21.11 -16.43 10.16
CA SER A 265 -21.90 -16.82 11.31
C SER A 265 -22.74 -18.08 11.08
N GLU A 266 -23.04 -18.74 12.18
CA GLU A 266 -23.99 -19.85 12.12
C GLU A 266 -25.35 -19.35 11.63
N GLU A 267 -25.73 -18.15 12.07
CA GLU A 267 -27.01 -17.58 11.63
C GLU A 267 -27.12 -17.54 10.10
N ALA A 268 -26.08 -17.04 9.42
CA ALA A 268 -26.14 -16.87 7.98
C ALA A 268 -26.16 -18.23 7.28
N GLN A 269 -25.33 -19.14 7.79
CA GLN A 269 -25.29 -20.48 7.21
C GLN A 269 -26.64 -21.18 7.34
N SER A 270 -27.30 -21.03 8.49
CA SER A 270 -28.62 -21.68 8.61
C SER A 270 -29.66 -21.03 7.72
N LYS A 271 -29.53 -19.72 7.50
CA LYS A 271 -30.53 -19.07 6.66
C LYS A 271 -30.48 -19.59 5.22
N LEU A 272 -29.29 -19.92 4.67
CA LEU A 272 -29.25 -20.54 3.32
C LEU A 272 -30.14 -21.78 3.22
N LYS A 273 -30.01 -22.67 4.21
CA LYS A 273 -30.79 -23.90 4.19
C LYS A 273 -32.27 -23.63 4.43
N GLU A 274 -32.57 -22.80 5.41
CA GLU A 274 -33.98 -22.52 5.74
C GLU A 274 -34.71 -21.91 4.55
N GLN A 275 -34.03 -21.06 3.78
CA GLN A 275 -34.67 -20.38 2.67
C GLN A 275 -34.47 -21.09 1.35
N ASN A 276 -33.83 -22.27 1.38
CA ASN A 276 -33.58 -23.06 0.15
C ASN A 276 -32.85 -22.21 -0.91
N ILE A 277 -31.85 -21.46 -0.48
CA ILE A 277 -31.07 -20.66 -1.45
C ILE A 277 -30.04 -21.56 -2.13
N GLN A 278 -29.85 -21.43 -3.44
CA GLN A 278 -28.90 -22.25 -4.23
C GLN A 278 -27.69 -21.38 -4.57
N LEU A 279 -26.55 -21.65 -3.94
CA LEU A 279 -25.34 -20.89 -4.25
C LEU A 279 -24.84 -21.23 -5.64
N ILE A 280 -24.28 -20.22 -6.33
CA ILE A 280 -23.73 -20.36 -7.68
C ILE A 280 -22.52 -19.43 -7.75
N THR A 281 -21.58 -19.70 -8.68
CA THR A 281 -20.44 -18.80 -8.87
C THR A 281 -20.47 -18.19 -10.28
N TRP A 282 -19.67 -17.16 -10.51
CA TRP A 282 -19.59 -16.63 -11.87
C TRP A 282 -19.00 -17.66 -12.84
N ASP A 283 -18.10 -18.54 -12.37
CA ASP A 283 -17.55 -19.50 -13.34
C ASP A 283 -18.66 -20.41 -13.88
N GLU A 284 -19.59 -20.82 -13.04
CA GLU A 284 -20.69 -21.63 -13.55
C GLU A 284 -21.50 -20.86 -14.61
N ILE A 285 -21.78 -19.57 -14.33
CA ILE A 285 -22.51 -18.73 -15.28
C ILE A 285 -21.73 -18.56 -16.59
N ARG A 286 -20.44 -18.26 -16.47
CA ARG A 286 -19.54 -18.17 -17.63
C ARG A 286 -19.69 -19.38 -18.53
N GLU A 287 -19.73 -20.58 -17.93
CA GLU A 287 -19.72 -21.82 -18.71
C GLU A 287 -21.05 -22.06 -19.39
N LYS A 288 -22.14 -21.49 -18.83
CA LYS A 288 -23.43 -21.56 -19.50
C LYS A 288 -23.45 -20.63 -20.70
N ILE A 289 -22.78 -19.48 -20.60
CA ILE A 289 -22.90 -18.44 -21.62
C ILE A 289 -21.93 -18.68 -22.78
N TYR A 290 -20.69 -19.04 -22.45
CA TYR A 290 -19.62 -19.24 -23.44
C TYR A 290 -19.32 -20.73 -23.61
N LYS A 291 -19.81 -21.30 -24.71
CA LYS A 291 -19.76 -22.71 -25.03
C LYS A 291 -18.57 -22.99 -25.93
N ASP A 292 -18.14 -24.25 -25.94
CA ASP A 292 -16.99 -24.74 -26.68
C ASP A 292 -17.07 -24.28 -28.17
N ASN B 5 37.50 15.03 13.82
CA ASN B 5 36.22 14.34 13.58
C ASN B 5 35.14 15.31 13.12
N ALA B 6 33.98 14.77 12.76
CA ALA B 6 32.93 15.60 12.19
C ALA B 6 32.46 16.68 13.17
N ALA B 7 32.60 16.44 14.47
CA ALA B 7 32.17 17.46 15.44
C ALA B 7 33.06 18.69 15.36
N GLN B 8 34.39 18.49 15.27
CA GLN B 8 35.27 19.63 15.07
C GLN B 8 35.02 20.31 13.72
N LYS B 9 34.86 19.53 12.64
CA LYS B 9 34.65 20.18 11.35
C LYS B 9 33.30 20.90 11.26
N LEU B 10 32.39 20.66 12.21
CA LEU B 10 31.16 21.42 12.38
C LEU B 10 31.28 22.51 13.43
N GLY B 11 32.48 22.78 13.94
CA GLY B 11 32.65 23.92 14.81
C GLY B 11 32.58 23.66 16.29
N PHE B 12 32.43 22.41 16.72
CA PHE B 12 32.40 22.09 18.14
C PHE B 12 33.75 21.55 18.59
N THR B 13 33.91 21.44 19.91
CA THR B 13 35.08 20.78 20.47
C THR B 13 35.08 19.29 20.13
N GLU B 14 36.27 18.68 20.21
CA GLU B 14 36.41 17.28 19.81
C GLU B 14 35.61 16.34 20.71
N SER B 15 35.52 16.65 22.01
CA SER B 15 34.82 15.80 22.98
C SER B 15 33.30 15.91 22.91
N THR B 16 32.77 16.82 22.10
CA THR B 16 31.33 17.00 22.00
C THR B 16 30.67 15.78 21.38
N LYS B 17 29.62 15.28 22.05
CA LYS B 17 28.87 14.11 21.60
C LYS B 17 27.66 14.62 20.82
N LEU B 18 27.86 14.83 19.52
CA LEU B 18 26.75 15.16 18.63
C LEU B 18 25.99 13.88 18.30
N LEU B 19 24.67 14.00 18.20
CA LEU B 19 23.85 12.81 17.96
C LEU B 19 22.65 13.19 17.12
N ILE B 20 22.38 12.37 16.10
CA ILE B 20 21.13 12.39 15.36
C ILE B 20 20.43 11.07 15.66
N ILE B 21 19.19 11.14 16.15
CA ILE B 21 18.38 9.94 16.34
C ILE B 21 17.36 9.92 15.20
N HIS B 22 17.55 9.01 14.27
CA HIS B 22 16.98 9.16 12.94
C HIS B 22 16.09 7.97 12.60
N ALA B 23 14.81 8.26 12.34
CA ALA B 23 13.83 7.24 12.02
C ALA B 23 13.81 7.01 10.51
N ASP B 24 14.23 5.83 10.07
CA ASP B 24 14.19 5.47 8.66
C ASP B 24 12.84 4.85 8.34
N ASP B 25 12.55 4.73 7.04
CA ASP B 25 11.41 3.97 6.52
C ASP B 25 10.07 4.61 6.83
N ALA B 26 10.03 5.92 7.10
CA ALA B 26 8.74 6.58 7.11
C ALA B 26 8.10 6.49 5.72
N GLY B 27 6.77 6.38 5.68
CA GLY B 27 6.07 6.12 4.41
C GLY B 27 5.84 4.64 4.11
N LEU B 28 6.54 3.75 4.80
CA LEU B 28 6.45 2.32 4.49
C LEU B 28 5.04 1.80 4.75
N ALA B 29 4.43 2.24 5.83
CA ALA B 29 3.28 1.58 6.42
C ALA B 29 2.56 2.58 7.29
N HIS B 30 1.25 2.40 7.43
CA HIS B 30 0.51 3.33 8.30
C HIS B 30 1.05 3.25 9.73
N ALA B 31 1.33 2.03 10.21
CA ALA B 31 1.82 1.85 11.58
C ALA B 31 3.17 2.54 11.77
N GLU B 32 4.01 2.49 10.74
CA GLU B 32 5.29 3.18 10.86
C GLU B 32 5.12 4.70 10.80
N ASN B 33 4.21 5.17 9.95
CA ASN B 33 3.92 6.61 9.91
C ASN B 33 3.50 7.11 11.28
N ARG B 34 2.48 6.45 11.89
CA ARG B 34 2.01 6.87 13.21
C ARG B 34 3.09 6.75 14.27
N ALA B 35 3.87 5.66 14.29
CA ALA B 35 4.89 5.54 15.30
C ALA B 35 5.96 6.60 15.11
N THR B 36 6.29 6.94 13.87
CA THR B 36 7.31 7.94 13.61
C THR B 36 6.83 9.31 14.05
N ILE B 37 5.59 9.64 13.72
CA ILE B 37 5.06 10.94 14.12
C ILE B 37 5.05 11.06 15.63
N GLN B 38 4.56 10.02 16.31
CA GLN B 38 4.49 10.09 17.76
C GLN B 38 5.88 10.17 18.37
N SER B 39 6.85 9.44 17.83
CA SER B 39 8.19 9.54 18.41
C SER B 39 8.80 10.93 18.18
N LEU B 40 8.52 11.59 17.06
CA LEU B 40 9.00 12.96 16.89
C LEU B 40 8.33 13.92 17.87
N GLN B 41 7.04 13.71 18.12
CA GLN B 41 6.26 14.57 19.00
C GLN B 41 6.61 14.39 20.46
N LYS B 42 6.90 13.15 20.87
CA LYS B 42 6.91 12.80 22.28
C LYS B 42 8.15 12.05 22.70
N GLY B 43 8.97 11.64 21.74
CA GLY B 43 10.23 11.02 22.04
C GLY B 43 11.38 11.98 21.83
N ILE B 44 12.55 11.40 21.73
CA ILE B 44 13.80 12.08 21.51
C ILE B 44 14.31 11.88 20.09
N VAL B 45 13.59 11.09 19.28
CA VAL B 45 13.84 11.03 17.85
C VAL B 45 13.75 12.43 17.30
N ASN B 46 14.76 12.85 16.55
CA ASN B 46 14.79 14.23 16.10
C ASN B 46 14.96 14.37 14.60
N SER B 47 14.91 13.27 13.84
CA SER B 47 15.02 13.37 12.39
C SER B 47 14.37 12.12 11.79
N TYR B 48 14.03 12.19 10.50
CA TYR B 48 13.52 11.00 9.81
C TYR B 48 13.63 11.18 8.30
N SER B 49 13.45 10.08 7.57
CA SER B 49 13.51 10.16 6.12
C SER B 49 12.39 9.27 5.55
N ILE B 50 11.96 9.61 4.34
CA ILE B 50 10.71 9.10 3.79
C ILE B 50 10.99 8.21 2.58
N MET B 51 10.31 7.06 2.51
CA MET B 51 10.39 6.19 1.33
C MET B 51 9.32 6.58 0.32
N VAL B 52 9.70 7.30 -0.72
CA VAL B 52 8.72 7.85 -1.66
C VAL B 52 7.99 6.74 -2.43
N PRO B 53 8.63 5.61 -2.79
CA PRO B 53 7.88 4.58 -3.56
C PRO B 53 6.81 3.86 -2.79
N CYS B 54 6.75 3.96 -1.49
CA CYS B 54 5.93 3.08 -0.70
C CYS B 54 4.45 3.49 -0.63
N PRO B 55 3.58 2.51 -0.33
CA PRO B 55 2.12 2.74 -0.38
C PRO B 55 1.62 3.74 0.61
N TRP B 56 2.38 4.05 1.67
CA TRP B 56 1.88 5.00 2.64
C TRP B 56 2.70 6.30 2.59
N PHE B 57 3.32 6.54 1.44
CA PHE B 57 4.04 7.79 1.24
C PHE B 57 3.13 9.00 1.37
N TYR B 58 1.97 8.99 0.72
CA TYR B 58 1.14 10.21 0.72
C TYR B 58 0.80 10.70 2.12
N GLU B 59 0.41 9.79 3.02
CA GLU B 59 0.05 10.22 4.37
C GLU B 59 1.23 10.85 5.11
N MET B 60 2.39 10.22 4.95
CA MET B 60 3.61 10.80 5.53
C MET B 60 3.90 12.16 4.93
N ALA B 61 3.69 12.29 3.62
CA ALA B 61 3.98 13.54 2.93
C ALA B 61 3.07 14.67 3.44
N ILE B 62 1.80 14.37 3.69
CA ILE B 62 0.93 15.39 4.28
C ILE B 62 1.46 15.80 5.63
N PHE B 63 1.87 14.83 6.45
CA PHE B 63 2.49 15.25 7.71
C PHE B 63 3.72 16.14 7.47
N ALA B 64 4.61 15.71 6.57
CA ALA B 64 5.89 16.43 6.43
C ALA B 64 5.71 17.86 5.94
N LYS B 65 4.83 18.06 4.96
CA LYS B 65 4.77 19.41 4.37
C LYS B 65 4.18 20.42 5.34
N ASN B 66 3.41 20.00 6.34
CA ASN B 66 2.83 20.95 7.29
C ASN B 66 3.53 20.97 8.63
N ASN B 67 4.61 20.18 8.80
CA ASN B 67 5.31 20.03 10.08
C ASN B 67 6.81 20.10 9.87
N ASN B 68 7.25 21.16 9.21
CA ASN B 68 8.66 21.40 8.89
C ASN B 68 9.57 21.55 10.10
N GLN B 69 9.02 21.68 11.31
CA GLN B 69 9.95 21.77 12.43
C GLN B 69 10.73 20.47 12.61
N TYR B 70 10.24 19.34 12.07
CA TYR B 70 10.88 18.05 12.24
C TYR B 70 11.79 17.78 11.04
N ASP B 71 13.09 17.74 11.31
CA ASP B 71 14.09 17.39 10.31
C ASP B 71 13.67 16.15 9.54
N ASN B 72 13.65 16.26 8.22
CA ASN B 72 12.99 15.26 7.39
C ASN B 72 13.69 15.16 6.04
N GLY B 73 14.02 13.92 5.63
CA GLY B 73 14.77 13.75 4.39
C GLY B 73 14.15 12.70 3.50
N VAL B 74 14.84 12.32 2.43
CA VAL B 74 14.34 11.33 1.48
C VAL B 74 15.17 10.05 1.64
N HIS B 75 14.48 8.96 1.96
CA HIS B 75 15.08 7.65 2.20
C HIS B 75 15.07 6.98 0.84
N LEU B 76 16.16 7.15 0.06
CA LEU B 76 16.19 6.68 -1.31
C LEU B 76 16.10 5.16 -1.37
N THR B 77 15.21 4.66 -2.25
CA THR B 77 14.76 3.27 -2.19
C THR B 77 14.99 2.60 -3.55
N LEU B 78 15.74 1.49 -3.53
CA LEU B 78 16.01 0.72 -4.75
C LEU B 78 15.81 -0.77 -4.53
N THR B 79 15.31 -1.16 -3.37
CA THR B 79 15.16 -2.57 -3.00
C THR B 79 13.89 -2.70 -2.18
N CYS B 80 13.30 -3.90 -2.22
CA CYS B 80 12.07 -4.20 -1.48
C CYS B 80 12.25 -5.56 -0.82
N GLU B 81 12.48 -5.57 0.51
CA GLU B 81 12.95 -6.79 1.16
C GLU B 81 11.83 -7.74 1.59
N TRP B 82 10.57 -7.34 1.45
CA TRP B 82 9.47 -8.01 2.13
C TRP B 82 8.89 -9.11 1.27
N GLU B 83 8.26 -10.08 1.92
CA GLU B 83 7.83 -11.29 1.24
C GLU B 83 6.53 -11.06 0.45
N ASN B 84 5.50 -10.50 1.10
CA ASN B 84 4.18 -10.35 0.50
C ASN B 84 3.80 -8.91 0.20
N TYR B 85 4.61 -7.93 0.60
CA TYR B 85 4.30 -6.51 0.51
C TYR B 85 5.35 -5.93 -0.44
N ARG B 86 4.99 -5.72 -1.70
CA ARG B 86 5.99 -5.46 -2.74
C ARG B 86 5.78 -4.07 -3.34
N PHE B 87 6.86 -3.38 -3.65
CA PHE B 87 6.72 -2.08 -4.29
C PHE B 87 7.89 -1.91 -5.25
N GLY B 88 7.69 -1.04 -6.25
CA GLY B 88 8.71 -0.78 -7.24
C GLY B 88 8.91 0.71 -7.47
N PRO B 89 9.47 1.03 -8.64
CA PRO B 89 9.93 2.40 -8.88
C PRO B 89 8.80 3.42 -9.00
N VAL B 90 9.15 4.67 -8.70
CA VAL B 90 8.29 5.80 -9.05
C VAL B 90 8.15 5.92 -10.58
N LEU B 91 9.25 5.76 -11.31
CA LEU B 91 9.21 5.90 -12.76
C LEU B 91 8.57 4.66 -13.38
N PRO B 92 8.05 4.78 -14.59
CA PRO B 92 7.50 3.59 -15.23
C PRO B 92 8.59 2.54 -15.46
N ILE B 93 8.20 1.27 -15.33
CA ILE B 93 9.14 0.17 -15.45
C ILE B 93 9.86 0.18 -16.79
N SER B 94 9.13 0.50 -17.86
CA SER B 94 9.76 0.56 -19.18
C SER B 94 10.89 1.59 -19.22
N GLU B 95 10.88 2.57 -18.32
CA GLU B 95 11.91 3.57 -18.34
C GLU B 95 13.14 3.15 -17.52
N VAL B 96 12.96 2.33 -16.49
CA VAL B 96 14.06 1.82 -15.65
C VAL B 96 13.99 0.30 -15.52
N PRO B 97 14.03 -0.46 -16.63
CA PRO B 97 13.72 -1.91 -16.55
C PRO B 97 14.71 -2.72 -15.74
N SER B 98 15.94 -2.27 -15.61
CA SER B 98 16.98 -3.05 -14.96
C SER B 98 16.89 -2.98 -13.45
N LEU B 99 15.96 -2.21 -12.89
CA LEU B 99 15.81 -2.08 -11.43
C LEU B 99 14.82 -3.06 -10.83
N VAL B 100 14.12 -3.86 -11.62
CA VAL B 100 12.95 -4.55 -11.09
C VAL B 100 12.97 -6.03 -11.44
N ASP B 101 12.25 -6.80 -10.62
CA ASP B 101 12.13 -8.23 -10.88
C ASP B 101 11.05 -8.44 -11.95
N GLU B 102 10.72 -9.71 -12.24
CA GLU B 102 9.74 -10.03 -13.26
C GLU B 102 8.34 -9.55 -12.91
N ASN B 103 8.07 -9.22 -11.65
CA ASN B 103 6.80 -8.64 -11.25
C ASN B 103 6.79 -7.13 -11.34
N GLY B 104 7.93 -6.49 -11.65
CA GLY B 104 8.01 -5.05 -11.66
C GLY B 104 8.22 -4.45 -10.30
N TYR B 105 8.69 -5.24 -9.34
CA TYR B 105 9.01 -4.68 -8.04
C TYR B 105 10.52 -4.64 -7.88
N PHE B 106 10.98 -3.86 -6.90
CA PHE B 106 12.41 -3.82 -6.60
C PHE B 106 12.85 -5.19 -6.07
N PHE B 107 14.11 -5.49 -6.31
CA PHE B 107 14.72 -6.73 -5.83
C PHE B 107 14.85 -6.74 -4.31
N LYS B 108 14.97 -7.94 -3.75
CA LYS B 108 15.02 -8.09 -2.30
C LYS B 108 16.41 -7.80 -1.73
N LYS B 109 17.46 -7.95 -2.52
CA LYS B 109 18.84 -7.96 -2.04
C LYS B 109 19.68 -6.99 -2.86
N ARG B 110 20.62 -6.31 -2.19
CA ARG B 110 21.54 -5.44 -2.90
C ARG B 110 22.30 -6.20 -3.97
N ASP B 111 22.61 -7.48 -3.73
CA ASP B 111 23.40 -8.27 -4.68
C ASP B 111 22.72 -8.37 -6.03
N LYS B 112 21.39 -8.60 -6.03
CA LYS B 112 20.65 -8.69 -7.30
C LYS B 112 20.60 -7.34 -7.99
N LEU B 113 20.40 -6.28 -7.19
CA LEU B 113 20.44 -4.93 -7.72
C LEU B 113 21.79 -4.64 -8.38
N ALA B 114 22.88 -5.00 -7.71
CA ALA B 114 24.20 -4.76 -8.27
C ALA B 114 24.43 -5.60 -9.51
N GLN B 115 23.88 -6.82 -9.56
CA GLN B 115 24.05 -7.67 -10.73
C GLN B 115 23.26 -7.16 -11.93
N ASN B 116 22.15 -6.46 -11.72
CA ASN B 116 21.25 -6.11 -12.81
C ASN B 116 21.18 -4.64 -13.16
N ALA B 117 21.22 -3.74 -12.19
CA ALA B 117 20.83 -2.35 -12.43
C ALA B 117 21.88 -1.58 -13.23
N LYS B 118 21.40 -0.73 -14.13
CA LYS B 118 22.23 0.22 -14.83
C LYS B 118 22.34 1.50 -14.01
N ALA B 119 23.56 2.01 -13.86
CA ALA B 119 23.74 3.25 -13.10
C ALA B 119 22.87 4.37 -13.65
N GLU B 120 22.63 4.39 -14.97
CA GLU B 120 21.75 5.39 -15.56
C GLU B 120 20.32 5.28 -15.00
N HIS B 121 19.81 4.04 -14.87
CA HIS B 121 18.46 3.88 -14.32
C HIS B 121 18.41 4.26 -12.85
N VAL B 122 19.45 3.90 -12.10
CA VAL B 122 19.54 4.33 -10.71
C VAL B 122 19.44 5.84 -10.62
N GLU B 123 20.23 6.55 -11.43
CA GLU B 123 20.24 8.00 -11.33
C GLU B 123 18.85 8.58 -11.67
N LYS B 124 18.22 8.05 -12.72
CA LYS B 124 16.89 8.53 -13.10
C LYS B 124 15.86 8.27 -11.99
N GLU B 125 15.86 7.07 -11.40
CA GLU B 125 14.82 6.76 -10.41
C GLU B 125 15.06 7.51 -9.10
N LEU B 126 16.31 7.60 -8.65
CA LEU B 126 16.55 8.35 -7.41
C LEU B 126 16.18 9.81 -7.59
N THR B 127 16.50 10.36 -8.78
CA THR B 127 16.09 11.74 -9.05
C THR B 127 14.57 11.85 -9.02
N ALA B 128 13.86 10.85 -9.57
CA ALA B 128 12.40 10.93 -9.60
C ALA B 128 11.81 10.86 -8.19
N GLN B 129 12.41 10.08 -7.29
CA GLN B 129 11.93 10.04 -5.91
C GLN B 129 12.10 11.40 -5.22
N ILE B 130 13.27 12.03 -5.39
CA ILE B 130 13.44 13.36 -4.79
C ILE B 130 12.46 14.36 -5.41
N GLU B 131 12.29 14.30 -6.75
CA GLU B 131 11.38 15.24 -7.42
C GLU B 131 9.93 15.05 -6.96
N ARG B 132 9.49 13.81 -6.79
CA ARG B 132 8.13 13.58 -6.32
C ARG B 132 7.96 14.10 -4.90
N ALA B 133 8.96 13.88 -4.03
CA ALA B 133 8.87 14.46 -2.69
C ALA B 133 8.71 15.98 -2.78
N LEU B 134 9.56 16.63 -3.59
CA LEU B 134 9.45 18.08 -3.79
C LEU B 134 8.07 18.47 -4.30
N LYS B 135 7.54 17.74 -5.30
CA LYS B 135 6.24 18.07 -5.86
C LYS B 135 5.13 17.98 -4.82
N PHE B 136 5.26 17.08 -3.86
CA PHE B 136 4.23 16.92 -2.85
C PHE B 136 4.35 17.92 -1.70
N GLY B 137 5.26 18.87 -1.81
CA GLY B 137 5.42 19.89 -0.80
C GLY B 137 6.49 19.63 0.24
N ILE B 138 7.18 18.48 0.18
CA ILE B 138 8.19 18.18 1.18
C ILE B 138 9.42 19.01 0.89
N LYS B 139 10.04 19.55 1.93
CA LYS B 139 11.27 20.31 1.80
C LYS B 139 12.39 19.55 2.50
N PRO B 140 13.00 18.62 1.81
CA PRO B 140 13.91 17.69 2.50
C PRO B 140 15.17 18.39 2.94
N THR B 141 15.71 17.93 4.07
CA THR B 141 16.97 18.48 4.57
C THR B 141 18.17 17.56 4.37
N HIS B 142 17.96 16.33 3.90
CA HIS B 142 19.04 15.38 3.71
C HIS B 142 18.50 14.27 2.80
N ILE B 143 19.42 13.47 2.28
CA ILE B 143 19.08 12.17 1.67
C ILE B 143 19.89 11.08 2.37
N ASP B 144 19.30 9.88 2.40
CA ASP B 144 20.06 8.71 2.81
C ASP B 144 19.52 7.53 2.01
N SER B 145 19.84 6.31 2.44
CA SER B 145 19.71 5.19 1.50
C SER B 145 19.16 3.95 2.18
N HIS B 146 18.01 3.46 1.66
CA HIS B 146 17.40 2.26 2.18
C HIS B 146 18.32 1.06 1.98
N MET B 147 18.62 0.38 3.10
CA MET B 147 19.52 -0.77 3.17
C MET B 147 20.89 -0.37 2.63
N TYR B 148 21.17 0.93 2.64
CA TYR B 148 22.37 1.47 2.00
C TYR B 148 22.64 0.82 0.64
N SER B 149 21.58 0.69 -0.17
CA SER B 149 21.76 0.08 -1.48
C SER B 149 22.55 0.97 -2.44
N VAL B 150 22.68 2.27 -2.14
CA VAL B 150 23.58 3.08 -2.98
C VAL B 150 25.01 2.60 -2.87
N GLY B 151 25.33 1.79 -1.86
CA GLY B 151 26.67 1.22 -1.76
C GLY B 151 26.84 -0.11 -2.45
N ALA B 152 25.79 -0.64 -3.10
CA ALA B 152 25.90 -1.95 -3.75
C ALA B 152 26.92 -1.97 -4.86
N LYS B 153 27.26 -0.81 -5.43
CA LYS B 153 28.31 -0.68 -6.47
C LYS B 153 28.92 0.71 -6.35
N PRO B 154 30.22 0.84 -6.58
CA PRO B 154 30.85 2.17 -6.51
C PRO B 154 30.18 3.21 -7.41
N GLU B 155 29.83 2.82 -8.64
CA GLU B 155 29.12 3.74 -9.53
C GLU B 155 27.82 4.23 -8.91
N PHE B 156 27.13 3.38 -8.13
CA PHE B 156 25.91 3.83 -7.46
C PHE B 156 26.22 4.86 -6.38
N LEU B 157 27.31 4.67 -5.64
CA LEU B 157 27.68 5.63 -4.61
C LEU B 157 27.99 6.98 -5.25
N ASN B 158 28.65 6.96 -6.40
CA ASN B 158 28.98 8.19 -7.12
C ASN B 158 27.72 8.88 -7.60
N VAL B 159 26.76 8.12 -8.11
CA VAL B 159 25.47 8.70 -8.47
C VAL B 159 24.86 9.41 -7.27
N TYR B 160 24.87 8.74 -6.12
CA TYR B 160 24.27 9.28 -4.89
C TYR B 160 24.96 10.58 -4.48
N ARG B 161 26.29 10.63 -4.56
CA ARG B 161 27.01 11.84 -4.17
C ARG B 161 26.75 12.99 -5.14
N ARG B 162 26.70 12.68 -6.44
CA ARG B 162 26.34 13.72 -7.41
C ARG B 162 24.95 14.25 -7.15
N ILE B 163 24.01 13.38 -6.78
CA ILE B 163 22.65 13.86 -6.60
C ILE B 163 22.58 14.74 -5.37
N ALA B 164 23.30 14.37 -4.29
CA ALA B 164 23.33 15.23 -3.10
C ALA B 164 23.90 16.61 -3.42
N LYS B 165 24.98 16.65 -4.21
CA LYS B 165 25.53 17.96 -4.56
C LYS B 165 24.55 18.75 -5.43
N LYS B 166 23.85 18.09 -6.34
CA LYS B 166 22.94 18.82 -7.21
C LYS B 166 21.81 19.50 -6.41
N TYR B 167 21.22 18.80 -5.44
CA TYR B 167 20.14 19.38 -4.61
C TYR B 167 20.65 20.13 -3.39
N LYS B 168 21.98 20.25 -3.23
CA LYS B 168 22.58 20.94 -2.09
C LYS B 168 22.04 20.41 -0.77
N LEU B 169 21.94 19.07 -0.69
CA LEU B 169 21.55 18.36 0.50
C LEU B 169 22.72 17.56 1.09
N PRO B 170 22.85 17.55 2.40
CA PRO B 170 23.72 16.56 3.05
C PRO B 170 23.22 15.13 2.82
N LEU B 171 24.15 14.19 2.98
CA LEU B 171 23.89 12.80 2.71
C LEU B 171 24.62 11.96 3.76
N VAL B 172 24.19 10.71 3.91
CA VAL B 172 24.80 9.78 4.85
C VAL B 172 25.93 9.05 4.15
N LEU B 173 27.15 9.24 4.67
CA LEU B 173 28.39 8.58 4.27
C LEU B 173 29.11 8.16 5.54
N ASN B 174 29.59 6.90 5.61
CA ASN B 174 30.22 6.40 6.83
C ASN B 174 31.00 5.13 6.57
N GLN B 175 32.17 4.99 7.22
CA GLN B 175 33.06 3.85 6.95
C GLN B 175 32.42 2.52 7.36
N GLN B 176 31.73 2.49 8.50
CA GLN B 176 31.05 1.26 8.91
C GLN B 176 30.01 0.85 7.88
N LEU B 177 29.21 1.81 7.38
CA LEU B 177 28.21 1.47 6.36
C LEU B 177 28.88 0.97 5.09
N PHE B 178 29.98 1.60 4.70
CA PHE B 178 30.76 1.12 3.56
C PHE B 178 31.13 -0.35 3.73
N GLU B 179 31.75 -0.68 4.87
CA GLU B 179 32.23 -2.05 5.07
C GLU B 179 31.08 -3.04 5.30
N MET B 180 29.93 -2.58 5.79
CA MET B 180 28.74 -3.42 5.77
C MET B 180 28.38 -3.82 4.36
N VAL B 181 28.27 -2.84 3.45
CA VAL B 181 27.84 -3.14 2.09
C VAL B 181 28.96 -3.66 1.22
N GLY B 182 30.15 -3.87 1.79
CA GLY B 182 31.23 -4.53 1.08
C GLY B 182 32.11 -3.63 0.24
N LEU B 183 32.07 -2.32 0.46
CA LEU B 183 32.65 -1.38 -0.50
C LEU B 183 34.03 -0.88 -0.07
N ASP B 186 38.37 3.67 0.13
CA ASP B 186 39.42 4.56 0.62
C ASP B 186 38.81 5.91 1.00
N LEU B 187 39.12 6.36 2.22
CA LEU B 187 38.47 7.54 2.77
C LEU B 187 38.95 8.86 2.14
N SER B 188 40.16 8.90 1.58
CA SER B 188 40.71 10.15 1.07
C SER B 188 39.86 10.75 -0.04
N ASP B 189 38.99 9.95 -0.68
CA ASP B 189 38.12 10.40 -1.76
C ASP B 189 37.00 11.30 -1.25
N PHE B 190 36.88 11.49 0.05
CA PHE B 190 35.71 12.15 0.62
C PHE B 190 36.10 13.45 1.34
N LYS B 191 37.13 14.14 0.83
CA LYS B 191 37.71 15.27 1.54
C LYS B 191 36.76 16.46 1.61
N ASP B 192 35.86 16.62 0.64
CA ASP B 192 34.91 17.72 0.63
C ASP B 192 33.50 17.28 1.01
N GLU B 193 33.38 16.14 1.68
CA GLU B 193 32.11 15.65 2.17
C GLU B 193 32.23 15.38 3.65
N LEU B 194 31.09 15.43 4.34
CA LEU B 194 31.06 15.24 5.79
C LEU B 194 30.76 13.78 6.09
N LEU B 195 31.66 13.14 6.81
CA LEU B 195 31.58 11.73 7.12
C LEU B 195 31.13 11.57 8.56
N ILE B 196 30.04 10.81 8.77
CA ILE B 196 29.62 10.48 10.10
C ILE B 196 30.69 9.64 10.77
N ASP B 197 31.04 9.99 12.01
CA ASP B 197 32.08 9.27 12.72
C ASP B 197 31.62 7.87 13.15
N ASN B 198 30.42 7.77 13.73
CA ASN B 198 29.90 6.51 14.25
C ASN B 198 28.41 6.34 13.97
N VAL B 199 28.03 5.19 13.41
CA VAL B 199 26.64 4.87 13.12
C VAL B 199 26.23 3.68 13.98
N PHE B 200 25.10 3.80 14.66
CA PHE B 200 24.59 2.74 15.51
C PHE B 200 23.30 2.21 14.91
N MET B 201 23.20 0.90 14.78
CA MET B 201 21.94 0.31 14.41
C MET B 201 21.78 -1.00 15.17
N GLY B 202 20.53 -1.32 15.48
CA GLY B 202 20.25 -2.56 16.17
C GLY B 202 20.78 -3.76 15.39
N GLU B 203 21.03 -4.84 16.13
CA GLU B 203 21.57 -6.06 15.53
C GLU B 203 20.83 -7.28 16.04
N PHE B 204 20.62 -8.24 15.14
CA PHE B 204 19.81 -9.40 15.48
C PHE B 204 20.37 -10.15 16.69
N LYS B 205 21.70 -10.16 16.88
CA LYS B 205 22.26 -10.99 17.94
C LYS B 205 21.77 -10.50 19.30
N TYR B 206 21.45 -9.21 19.41
CA TYR B 206 20.95 -8.66 20.65
C TYR B 206 19.42 -8.76 20.73
N PHE B 207 18.75 -8.58 19.59
CA PHE B 207 17.30 -8.72 19.53
C PHE B 207 16.86 -10.11 19.97
N GLU B 208 17.56 -11.15 19.52
CA GLU B 208 17.17 -12.52 19.85
C GLU B 208 17.41 -12.87 21.31
N LYS B 209 18.31 -12.16 22.00
CA LYS B 209 18.52 -12.39 23.43
C LYS B 209 17.60 -11.51 24.28
N GLY B 210 16.69 -10.77 23.66
CA GLY B 210 15.88 -9.84 24.40
C GLY B 210 16.62 -8.61 24.87
N GLU B 211 17.77 -8.30 24.28
CA GLU B 211 18.59 -7.18 24.72
C GLU B 211 18.71 -6.03 23.72
N LEU B 212 17.73 -5.86 22.81
CA LEU B 212 17.83 -4.76 21.84
C LEU B 212 17.84 -3.42 22.54
N ALA B 213 16.92 -3.22 23.50
CA ALA B 213 16.86 -1.96 24.23
C ALA B 213 18.11 -1.74 25.07
N ASN B 214 18.63 -2.82 25.66
CA ASN B 214 19.91 -2.77 26.36
C ASN B 214 20.99 -2.23 25.45
N PHE B 215 21.01 -2.70 24.20
CA PHE B 215 22.01 -2.24 23.24
C PHE B 215 21.90 -0.74 23.03
N TYR B 216 20.67 -0.22 22.84
CA TYR B 216 20.51 1.22 22.65
C TYR B 216 20.92 2.00 23.90
N ALA B 217 20.52 1.51 25.08
CA ALA B 217 20.94 2.15 26.32
C ALA B 217 22.44 2.20 26.43
N THR B 218 23.14 1.10 26.07
CA THR B 218 24.59 1.05 26.16
C THR B 218 25.21 2.01 25.15
N ALA B 219 24.60 2.12 23.97
CA ALA B 219 25.07 3.06 22.96
C ALA B 219 25.02 4.49 23.48
N LEU B 220 23.91 4.87 24.14
CA LEU B 220 23.86 6.22 24.71
C LEU B 220 24.89 6.39 25.84
N ASP B 221 24.99 5.39 26.75
CA ASP B 221 25.93 5.52 27.88
C ASP B 221 27.37 5.68 27.39
N LYS B 222 27.75 4.95 26.35
CA LYS B 222 29.13 4.87 25.91
C LYS B 222 29.52 5.89 24.85
N MET B 223 28.64 6.83 24.49
CA MET B 223 28.86 7.57 23.27
C MET B 223 30.05 8.51 23.40
N GLU B 224 30.82 8.62 22.31
CA GLU B 224 32.08 9.33 22.30
C GLU B 224 31.95 10.60 21.47
N GLY B 225 32.95 11.46 21.58
CA GLY B 225 32.92 12.71 20.83
C GLY B 225 32.92 12.47 19.34
N GLY B 226 32.33 13.40 18.62
CA GLY B 226 32.17 13.31 17.18
C GLY B 226 30.70 13.35 16.79
N LEU B 227 30.45 13.08 15.50
CA LEU B 227 29.09 13.05 15.00
C LEU B 227 28.57 11.61 15.10
N ASN B 228 27.53 11.42 15.89
CA ASN B 228 26.94 10.11 16.10
C ASN B 228 25.56 10.05 15.45
N LEU B 229 25.22 8.89 14.91
CA LEU B 229 23.98 8.69 14.19
C LEU B 229 23.36 7.38 14.64
N ILE B 230 22.17 7.44 15.21
CA ILE B 230 21.42 6.24 15.56
C ILE B 230 20.32 6.09 14.52
N LEU B 231 20.26 4.92 13.87
CA LEU B 231 19.26 4.67 12.84
C LEU B 231 18.23 3.71 13.40
N ILE B 232 16.97 4.11 13.37
CA ILE B 232 15.92 3.29 13.95
C ILE B 232 14.76 3.20 12.96
N HIS B 233 13.76 2.40 13.35
CA HIS B 233 12.61 2.13 12.47
C HIS B 233 11.37 1.96 13.35
N PRO B 234 10.95 3.03 14.03
CA PRO B 234 9.77 2.90 14.93
C PRO B 234 8.49 2.54 14.17
N ALA B 235 7.79 1.51 14.68
CA ALA B 235 6.48 1.14 14.13
C ALA B 235 5.75 0.31 15.17
N PHE B 236 4.40 0.40 15.17
CA PHE B 236 3.65 -0.39 16.12
C PHE B 236 3.58 -1.83 15.64
N ASP B 237 3.78 -2.78 16.59
CA ASP B 237 3.75 -4.21 16.27
C ASP B 237 2.29 -4.67 16.17
N ASP B 238 1.64 -4.28 15.08
CA ASP B 238 0.22 -4.60 14.90
C ASP B 238 0.05 -5.50 13.69
N ASP B 239 -1.22 -5.71 13.30
CA ASP B 239 -1.51 -6.69 12.23
C ASP B 239 -0.83 -6.29 10.94
N GLU B 240 -0.84 -4.99 10.64
CA GLU B 240 -0.28 -4.49 9.39
C GLU B 240 1.22 -4.77 9.34
N MET B 241 1.94 -4.46 10.42
CA MET B 241 3.38 -4.69 10.43
C MET B 241 3.71 -6.19 10.47
N LYS B 242 2.89 -7.00 11.15
CA LYS B 242 3.11 -8.45 11.05
C LYS B 242 2.94 -8.93 9.61
N GLY B 243 1.97 -8.39 8.89
CA GLY B 243 1.78 -8.77 7.50
C GLY B 243 2.93 -8.33 6.59
N ILE B 244 3.47 -7.12 6.82
CA ILE B 244 4.63 -6.68 6.05
C ILE B 244 5.86 -7.52 6.37
N THR B 245 6.18 -7.72 7.67
CA THR B 245 7.45 -8.32 8.06
C THR B 245 7.36 -9.83 8.28
N ILE B 246 6.38 -10.50 7.67
CA ILE B 246 6.27 -11.95 7.86
C ILE B 246 7.56 -12.64 7.45
N ASN B 247 8.02 -13.58 8.27
CA ASN B 247 9.21 -14.37 8.01
C ASN B 247 10.45 -13.51 7.84
N HIS B 248 10.42 -12.30 8.38
CA HIS B 248 11.55 -11.38 8.29
C HIS B 248 11.75 -10.71 9.64
N PRO B 249 12.10 -11.48 10.68
CA PRO B 249 12.25 -10.89 12.02
C PRO B 249 13.37 -9.87 12.16
N ASN B 250 14.37 -9.88 11.28
CA ASN B 250 15.41 -8.85 11.29
C ASN B 250 14.78 -7.53 10.90
N PHE B 251 14.79 -6.55 11.82
CA PHE B 251 14.07 -5.30 11.62
C PHE B 251 12.59 -5.57 11.36
N GLY B 252 12.07 -6.64 11.95
CA GLY B 252 10.67 -7.01 11.82
C GLY B 252 9.77 -6.29 12.81
N SER B 253 8.48 -6.72 12.90
CA SER B 253 7.48 -5.90 13.57
C SER B 253 7.76 -5.76 15.09
N GLU B 254 8.19 -6.84 15.75
CA GLU B 254 8.47 -6.72 17.19
C GLU B 254 9.68 -5.82 17.45
N TRP B 255 10.72 -5.98 16.62
CA TRP B 255 11.89 -5.11 16.67
C TRP B 255 11.51 -3.63 16.51
N ARG B 256 10.62 -3.33 15.56
CA ARG B 256 10.26 -1.93 15.34
C ARG B 256 9.48 -1.36 16.52
N GLN B 257 8.69 -2.22 17.19
CA GLN B 257 8.02 -1.77 18.40
C GLN B 257 9.03 -1.46 19.51
N ILE B 258 10.07 -2.29 19.66
CA ILE B 258 11.12 -1.97 20.64
C ILE B 258 11.76 -0.61 20.32
N ASP B 259 12.04 -0.34 19.04
CA ASP B 259 12.59 0.97 18.66
C ASP B 259 11.70 2.11 19.16
N PHE B 260 10.40 2.00 18.88
CA PHE B 260 9.46 3.03 19.34
C PHE B 260 9.46 3.14 20.86
N ASP B 261 9.33 2.00 21.56
CA ASP B 261 9.25 2.03 23.00
C ASP B 261 10.48 2.69 23.59
N PHE B 262 11.67 2.28 23.14
CA PHE B 262 12.87 2.83 23.77
C PHE B 262 13.03 4.31 23.49
N PHE B 263 12.79 4.74 22.27
CA PHE B 263 13.15 6.12 21.96
C PHE B 263 11.99 7.06 22.20
N THR B 264 10.92 6.57 22.82
CA THR B 264 9.99 7.46 23.51
C THR B 264 10.01 7.26 25.03
N SER B 265 11.01 6.56 25.58
CA SER B 265 11.04 6.31 27.01
C SER B 265 11.80 7.40 27.77
N GLU B 266 11.38 7.61 29.03
CA GLU B 266 12.13 8.53 29.88
C GLU B 266 13.53 8.03 30.11
N GLU B 267 13.76 6.72 30.09
CA GLU B 267 15.12 6.21 30.25
C GLU B 267 16.06 6.80 29.22
N ALA B 268 15.65 6.78 27.94
CA ALA B 268 16.47 7.32 26.88
C ALA B 268 16.69 8.83 27.07
N GLN B 269 15.64 9.57 27.41
CA GLN B 269 15.82 11.00 27.64
C GLN B 269 16.78 11.26 28.80
N SER B 270 16.68 10.44 29.87
CA SER B 270 17.59 10.56 31.00
C SER B 270 19.04 10.30 30.60
N LYS B 271 19.26 9.28 29.77
CA LYS B 271 20.62 8.97 29.36
C LYS B 271 21.22 10.13 28.58
N LEU B 272 20.41 10.76 27.72
CA LEU B 272 20.84 11.99 27.05
C LEU B 272 21.32 13.01 28.05
N LYS B 273 20.53 13.27 29.10
CA LYS B 273 20.96 14.26 30.09
C LYS B 273 22.23 13.81 30.79
N GLU B 274 22.30 12.53 31.20
CA GLU B 274 23.43 12.08 32.03
C GLU B 274 24.74 12.15 31.27
N GLN B 275 24.72 11.84 29.97
CA GLN B 275 25.93 11.79 29.17
C GLN B 275 26.24 13.11 28.50
N ASN B 276 25.40 14.13 28.71
CA ASN B 276 25.53 15.43 28.08
C ASN B 276 25.65 15.32 26.55
N ILE B 277 24.86 14.43 25.99
CA ILE B 277 24.78 14.29 24.54
C ILE B 277 24.00 15.46 23.94
N GLN B 278 24.50 16.03 22.85
CA GLN B 278 23.87 17.18 22.21
C GLN B 278 23.19 16.74 20.91
N LEU B 279 21.87 16.84 20.88
CA LEU B 279 21.13 16.54 19.66
C LEU B 279 21.43 17.57 18.58
N ILE B 280 21.47 17.10 17.32
CA ILE B 280 21.68 17.98 16.17
C ILE B 280 20.93 17.39 14.99
N THR B 281 20.46 18.25 14.09
CA THR B 281 19.69 17.80 12.94
C THR B 281 20.51 17.97 11.66
N TRP B 282 20.03 17.30 10.60
CA TRP B 282 20.68 17.47 9.31
C TRP B 282 20.49 18.88 8.79
N ASP B 283 19.32 19.48 9.04
CA ASP B 283 19.11 20.88 8.67
C ASP B 283 20.17 21.80 9.29
N GLU B 284 20.48 21.61 10.58
CA GLU B 284 21.50 22.43 11.21
C GLU B 284 22.87 22.19 10.58
N ILE B 285 23.18 20.93 10.29
CA ILE B 285 24.45 20.59 9.65
C ILE B 285 24.54 21.24 8.27
N ARG B 286 23.43 21.21 7.51
CA ARG B 286 23.40 21.80 6.18
C ARG B 286 23.58 23.29 6.25
N GLU B 287 22.88 23.94 7.20
CA GLU B 287 23.05 25.37 7.39
C GLU B 287 24.49 25.70 7.69
N LYS B 288 25.14 24.87 8.50
CA LYS B 288 26.51 25.15 8.91
C LYS B 288 27.50 24.91 7.78
N ILE B 289 27.26 23.89 6.95
CA ILE B 289 28.07 23.71 5.76
C ILE B 289 27.92 24.91 4.83
N TYR B 290 26.68 25.29 4.52
CA TYR B 290 26.45 26.46 3.66
C TYR B 290 27.07 27.73 4.24
N LYS B 291 27.04 27.90 5.57
CA LYS B 291 27.63 29.10 6.14
C LYS B 291 29.15 29.07 6.03
N ASP B 292 29.74 27.89 5.94
CA ASP B 292 31.19 27.78 5.78
C ASP B 292 31.59 27.86 4.30
#